data_5HTP
#
_entry.id   5HTP
#
_cell.length_a   103.515
_cell.length_b   46.567
_cell.length_c   87.991
_cell.angle_alpha   90.00
_cell.angle_beta   91.00
_cell.angle_gamma   90.00
#
_symmetry.space_group_name_H-M   'C 1 2 1'
#
loop_
_entity.id
_entity.type
_entity.pdbx_description
1 polymer 'Probable sugar kinase'
2 non-polymer 'PHOSPHOAMINOPHOSPHONIC ACID-ADENYLATE ESTER'
3 water water
#
_entity_poly.entity_id   1
_entity_poly.type   'polypeptide(L)'
_entity_poly.pdbx_seq_one_letter_code
;MGMVVALGLDFGTSGARAIACDFDSDRSVSVSVTFPKTSQNWPQVWREALWQLLTQIPADWRSRIERIAIDGTSGTVLLC
DREGQPQTEPLLYNQACPIDLADLADWVPADHAALSSTSSLAKLWFWQQQFGALPPDWQILAQADWLSLQLHGCSQQSDY
HNALKLGYSPDRERFSKNLLDSELGALLPVVHEPGVAIGPILPAIAQEFGLSPDCQICAGTTDSIAAFLASGAHQPGEAV
TSLGSTIVLKLLSQVAVSDRLTGVYSHKLGGYWLTGGASNCGGATLRQFFPDTELESLSCQIDPTKKSGLDYYPLPSRGE
RFPIADPDRLPQLEPRPENPVQFLQGLLEGLTQVETLGYQRLQDLGATPLKRIWTAGGGAKNAVWQQLRQQAIGVPIAIA
PNTEAAFGTARLAAFGLAAFHSAGLKRTLEHHHHHH
;
_entity_poly.pdbx_strand_id   A
#
# COMPACT_ATOMS: atom_id res chain seq x y z
N VAL A 4 -2.82 25.16 2.79
CA VAL A 4 -2.73 24.48 4.07
C VAL A 4 -1.38 23.77 4.24
N VAL A 5 -0.83 23.83 5.46
CA VAL A 5 0.40 23.12 5.79
C VAL A 5 0.09 21.78 6.45
N ALA A 6 0.42 20.69 5.75
CA ALA A 6 0.05 19.36 6.22
C ALA A 6 1.25 18.44 6.41
N LEU A 7 1.15 17.52 7.36
CA LEU A 7 2.19 16.54 7.63
C LEU A 7 1.76 15.12 7.27
N GLY A 8 2.57 14.46 6.44
CA GLY A 8 2.35 13.06 6.12
C GLY A 8 3.41 12.18 6.74
N LEU A 9 2.98 11.17 7.47
CA LEU A 9 3.89 10.25 8.13
C LEU A 9 3.75 8.85 7.53
N ASP A 10 4.85 8.29 7.06
CA ASP A 10 4.87 7.01 6.37
C ASP A 10 5.67 5.99 7.15
N PHE A 11 5.00 5.01 7.73
CA PHE A 11 5.69 3.93 8.40
C PHE A 11 5.71 2.71 7.50
N GLY A 12 6.86 2.46 6.89
CA GLY A 12 6.98 1.40 5.90
C GLY A 12 7.65 0.13 6.37
N THR A 13 8.07 -0.71 5.41
CA THR A 13 8.64 -2.02 5.71
C THR A 13 10.03 -1.97 6.35
N SER A 14 10.81 -0.93 6.05
CA SER A 14 12.17 -0.83 6.57
C SER A 14 12.48 0.47 7.32
N GLY A 15 11.58 1.44 7.25
CA GLY A 15 11.80 2.72 7.89
C GLY A 15 10.57 3.59 7.95
N ALA A 16 10.75 4.83 8.40
CA ALA A 16 9.66 5.80 8.49
C ALA A 16 10.10 7.16 7.94
N ARG A 17 9.21 7.84 7.24
CA ARG A 17 9.51 9.14 6.64
C ARG A 17 8.44 10.16 6.98
N ALA A 18 8.86 11.38 7.28
CA ALA A 18 7.93 12.48 7.49
C ALA A 18 8.11 13.51 6.38
N ILE A 19 7.00 13.90 5.76
CA ILE A 19 7.04 14.96 4.76
C ILE A 19 6.02 16.03 5.09
N ALA A 20 6.53 17.21 5.41
CA ALA A 20 5.67 18.35 5.72
C ALA A 20 5.60 19.27 4.51
N CYS A 21 4.39 19.56 4.08
CA CYS A 21 4.15 20.33 2.85
C CYS A 21 3.29 21.57 3.04
N ASP A 22 3.83 22.70 2.59
CA ASP A 22 3.05 23.90 2.31
C ASP A 22 2.59 23.78 0.86
N PHE A 23 1.29 23.54 0.69
CA PHE A 23 0.72 23.28 -0.63
C PHE A 23 0.35 24.55 -1.39
N ASP A 24 0.50 25.70 -0.77
CA ASP A 24 0.23 26.96 -1.46
C ASP A 24 1.52 27.60 -1.99
N SER A 25 2.64 27.23 -1.40
CA SER A 25 3.93 27.71 -1.89
C SER A 25 4.77 26.56 -2.45
N ASP A 26 4.13 25.40 -2.59
CA ASP A 26 4.77 24.19 -3.11
C ASP A 26 6.10 23.89 -2.45
N ARG A 27 6.17 24.10 -1.14
CA ARG A 27 7.43 23.92 -0.43
C ARG A 27 7.31 22.76 0.55
N SER A 28 8.40 22.06 0.80
CA SER A 28 8.32 20.90 1.68
C SER A 28 9.64 20.57 2.39
N VAL A 29 9.52 19.84 3.49
CA VAL A 29 10.70 19.32 4.18
C VAL A 29 10.47 17.83 4.41
N SER A 30 11.53 17.04 4.27
CA SER A 30 11.42 15.59 4.39
C SER A 30 12.51 15.03 5.28
N VAL A 31 12.11 14.29 6.31
CA VAL A 31 13.06 13.65 7.21
C VAL A 31 12.80 12.15 7.27
N SER A 32 13.80 11.40 7.71
CA SER A 32 13.71 9.95 7.72
C SER A 32 14.30 9.31 8.96
N VAL A 33 13.86 8.09 9.23
CA VAL A 33 14.41 7.26 10.29
C VAL A 33 14.44 5.82 9.79
N THR A 34 15.54 5.12 10.02
CA THR A 34 15.65 3.74 9.54
C THR A 34 15.41 2.77 10.70
N PHE A 35 14.51 1.82 10.48
CA PHE A 35 14.19 0.84 11.50
C PHE A 35 15.34 -0.13 11.72
N PRO A 36 15.40 -0.70 12.92
CA PRO A 36 16.35 -1.78 13.21
C PRO A 36 16.01 -3.08 12.49
N LYS A 37 17.00 -3.94 12.34
CA LYS A 37 16.83 -5.25 11.72
C LYS A 37 16.05 -6.17 12.66
N THR A 38 16.23 -5.95 13.97
CA THR A 38 15.57 -6.77 14.99
C THR A 38 15.09 -5.89 16.14
N SER A 39 14.11 -6.37 16.89
CA SER A 39 13.65 -5.66 18.08
C SER A 39 12.79 -6.55 18.95
N GLN A 40 12.91 -6.36 20.27
CA GLN A 40 12.04 -7.07 21.20
C GLN A 40 10.88 -6.19 21.63
N ASN A 41 10.79 -5.00 21.05
CA ASN A 41 9.72 -4.06 21.38
C ASN A 41 9.42 -3.15 20.20
N TRP A 42 8.86 -3.73 19.14
CA TRP A 42 8.53 -2.98 17.93
C TRP A 42 7.58 -1.79 18.14
N PRO A 43 6.57 -1.93 19.03
CA PRO A 43 5.78 -0.72 19.30
C PRO A 43 6.64 0.45 19.78
N GLN A 44 7.60 0.16 20.67
CA GLN A 44 8.47 1.23 21.18
C GLN A 44 9.31 1.82 20.07
N VAL A 45 9.79 0.96 19.17
CA VAL A 45 10.54 1.40 18.00
C VAL A 45 9.71 2.38 17.18
N TRP A 46 8.49 1.98 16.84
CA TRP A 46 7.59 2.81 16.03
C TRP A 46 7.30 4.14 16.71
N ARG A 47 6.88 4.09 17.97
CA ARG A 47 6.51 5.29 18.71
C ARG A 47 7.68 6.27 18.84
N GLU A 48 8.84 5.73 19.19
CA GLU A 48 10.01 6.58 19.34
C GLU A 48 10.41 7.14 17.99
N ALA A 49 10.19 6.37 16.92
CA ALA A 49 10.47 6.85 15.57
C ALA A 49 9.56 8.03 15.26
N LEU A 50 8.32 7.95 15.74
CA LEU A 50 7.37 9.03 15.59
C LEU A 50 7.88 10.32 16.25
N TRP A 51 8.32 10.20 17.49
CA TRP A 51 8.87 11.39 18.18
C TRP A 51 10.13 11.91 17.48
N GLN A 52 10.95 10.99 16.97
CA GLN A 52 12.17 11.35 16.23
C GLN A 52 11.84 12.16 14.98
N LEU A 53 10.83 11.70 14.24
CA LEU A 53 10.41 12.37 13.02
C LEU A 53 9.90 13.75 13.35
N LEU A 54 9.06 13.85 14.38
CA LEU A 54 8.52 15.15 14.75
C LEU A 54 9.64 16.10 15.11
N THR A 55 10.62 15.59 15.86
CA THR A 55 11.77 16.39 16.31
C THR A 55 12.62 16.89 15.14
N GLN A 56 12.84 16.05 14.13
CA GLN A 56 13.68 16.44 12.99
C GLN A 56 13.02 17.45 12.06
N ILE A 57 11.74 17.70 12.25
CA ILE A 57 11.04 18.74 11.49
C ILE A 57 11.27 20.09 12.15
N PRO A 58 11.80 21.07 11.38
CA PRO A 58 12.13 22.40 11.90
C PRO A 58 10.98 23.02 12.68
N ALA A 59 11.29 23.71 13.77
CA ALA A 59 10.30 24.37 14.62
C ALA A 59 9.41 25.30 13.79
N ASP A 60 10.01 25.90 12.77
CA ASP A 60 9.31 26.80 11.85
C ASP A 60 8.11 26.12 11.19
N TRP A 61 8.30 24.87 10.80
CA TRP A 61 7.25 24.10 10.15
C TRP A 61 6.22 23.57 11.13
N ARG A 62 6.71 23.02 12.24
CA ARG A 62 5.84 22.40 13.23
C ARG A 62 4.80 23.37 13.77
N SER A 63 5.15 24.65 13.81
CA SER A 63 4.22 25.64 14.31
C SER A 63 3.11 25.93 13.29
N ARG A 64 3.37 25.63 12.02
CA ARG A 64 2.41 25.94 10.95
C ARG A 64 1.56 24.76 10.53
N ILE A 65 1.94 23.54 10.94
CA ILE A 65 1.22 22.33 10.56
C ILE A 65 -0.20 22.30 11.13
N GLU A 66 -1.18 22.08 10.26
CA GLU A 66 -2.59 22.15 10.66
C GLU A 66 -3.26 20.79 10.66
N ARG A 67 -2.73 19.86 9.86
CA ARG A 67 -3.32 18.53 9.73
C ARG A 67 -2.23 17.49 9.62
N ILE A 68 -2.45 16.33 10.24
CA ILE A 68 -1.48 15.24 10.21
C ILE A 68 -2.18 13.94 9.86
N ALA A 69 -1.55 13.16 8.98
CA ALA A 69 -2.04 11.82 8.69
C ALA A 69 -0.91 10.80 8.68
N ILE A 70 -1.26 9.53 8.86
CA ILE A 70 -0.27 8.46 8.96
C ILE A 70 -0.66 7.21 8.16
N ASP A 71 0.25 6.72 7.33
CA ASP A 71 0.06 5.43 6.68
C ASP A 71 0.98 4.41 7.33
N GLY A 72 0.54 3.17 7.39
CA GLY A 72 1.33 2.10 7.96
C GLY A 72 1.20 0.86 7.11
N THR A 73 2.01 -0.15 7.42
CA THR A 73 2.00 -1.39 6.67
C THR A 73 0.70 -2.15 6.90
N SER A 74 0.23 -2.81 5.85
CA SER A 74 -1.06 -3.51 5.87
C SER A 74 -0.95 -4.89 6.50
N GLY A 75 -1.64 -5.09 7.62
CA GLY A 75 -1.65 -6.39 8.25
C GLY A 75 -0.77 -6.42 9.49
N THR A 76 -0.13 -5.29 9.76
CA THR A 76 0.63 -5.13 10.99
C THR A 76 -0.34 -4.65 12.07
N VAL A 77 -0.66 -5.53 13.02
CA VAL A 77 -1.65 -5.23 14.04
C VAL A 77 -1.11 -5.39 15.45
N LEU A 78 -1.77 -4.73 16.38
CA LEU A 78 -1.40 -4.72 17.79
C LEU A 78 -2.63 -5.04 18.65
N LEU A 79 -2.43 -5.89 19.64
CA LEU A 79 -3.46 -6.22 20.62
C LEU A 79 -3.24 -5.35 21.84
N CYS A 80 -4.21 -4.50 22.17
CA CYS A 80 -4.01 -3.50 23.20
C CYS A 80 -5.14 -3.47 24.23
N ASP A 81 -4.85 -3.00 25.44
CA ASP A 81 -5.88 -2.71 26.41
C ASP A 81 -6.62 -1.43 26.04
N ARG A 82 -7.53 -0.98 26.88
CA ARG A 82 -8.38 0.15 26.52
C ARG A 82 -7.62 1.48 26.49
N GLU A 83 -6.35 1.45 26.89
CA GLU A 83 -5.50 2.64 26.81
C GLU A 83 -4.48 2.55 25.68
N GLY A 84 -4.51 1.47 24.92
CA GLY A 84 -3.62 1.31 23.79
C GLY A 84 -2.26 0.75 24.15
N GLN A 85 -2.17 0.16 25.33
CA GLN A 85 -0.95 -0.55 25.73
C GLN A 85 -0.94 -1.95 25.13
N PRO A 86 0.04 -2.24 24.26
CA PRO A 86 0.19 -3.57 23.67
C PRO A 86 0.28 -4.65 24.73
N GLN A 87 -0.52 -5.71 24.57
CA GLN A 87 -0.58 -6.79 25.56
C GLN A 87 0.19 -8.02 25.09
N THR A 88 0.82 -7.92 23.93
CA THR A 88 1.61 -9.00 23.36
C THR A 88 2.37 -8.46 22.16
N GLU A 89 3.28 -9.25 21.61
CA GLU A 89 4.02 -8.85 20.41
C GLU A 89 3.06 -8.53 19.26
N PRO A 90 3.41 -7.51 18.47
CA PRO A 90 2.67 -7.26 17.22
C PRO A 90 2.77 -8.43 16.25
N LEU A 91 1.76 -8.55 15.39
CA LEU A 91 1.83 -9.47 14.27
C LEU A 91 2.03 -8.64 13.01
N LEU A 92 3.18 -8.81 12.37
CA LEU A 92 3.56 -7.94 11.26
C LEU A 92 2.87 -8.30 9.95
N TYR A 93 2.99 -7.42 8.98
CA TYR A 93 2.34 -7.55 7.68
C TYR A 93 2.71 -8.83 6.94
N ASN A 94 3.97 -9.25 7.09
CA ASN A 94 4.50 -10.40 6.37
C ASN A 94 4.23 -11.73 7.08
N GLN A 95 3.90 -11.68 8.36
CA GLN A 95 3.67 -12.89 9.13
C GLN A 95 2.31 -13.50 8.81
N ALA A 96 2.26 -14.83 8.75
CA ALA A 96 1.02 -15.55 8.51
C ALA A 96 0.61 -16.34 9.75
N CYS A 97 -0.68 -16.64 9.87
CA CYS A 97 -1.18 -17.37 11.03
C CYS A 97 -1.76 -18.72 10.63
N PRO A 98 -1.38 -19.77 11.37
CA PRO A 98 -1.79 -21.16 11.09
C PRO A 98 -3.23 -21.43 11.56
N ILE A 99 -4.24 -21.06 10.77
CA ILE A 99 -5.62 -21.25 11.22
C ILE A 99 -6.51 -21.67 10.05
N ASP A 100 -7.75 -22.00 10.41
CA ASP A 100 -8.73 -22.55 9.50
C ASP A 100 -9.66 -21.44 9.00
N LEU A 101 -9.35 -20.92 7.82
CA LEU A 101 -10.09 -19.81 7.23
C LEU A 101 -11.60 -20.05 7.14
N ALA A 102 -12.02 -21.30 7.36
CA ALA A 102 -13.44 -21.62 7.43
C ALA A 102 -14.06 -21.08 8.71
N ASP A 103 -13.21 -20.74 9.70
CA ASP A 103 -13.68 -20.12 10.93
C ASP A 103 -14.09 -18.66 10.69
N LEU A 104 -13.77 -18.16 9.50
CA LEU A 104 -13.97 -16.75 9.18
C LEU A 104 -15.14 -16.53 8.20
N ALA A 105 -15.57 -17.59 7.53
CA ALA A 105 -16.57 -17.49 6.47
C ALA A 105 -17.91 -16.95 6.98
N ASP A 106 -18.20 -17.19 8.25
CA ASP A 106 -19.47 -16.78 8.83
C ASP A 106 -19.43 -15.32 9.26
N TRP A 107 -18.32 -14.64 8.96
CA TRP A 107 -18.10 -13.28 9.43
C TRP A 107 -17.97 -12.27 8.29
N VAL A 108 -17.58 -12.75 7.11
CA VAL A 108 -17.42 -11.88 5.94
C VAL A 108 -18.04 -12.57 4.72
N PRO A 109 -18.32 -11.81 3.65
CA PRO A 109 -18.86 -12.45 2.44
C PRO A 109 -17.87 -13.42 1.79
N ALA A 110 -18.34 -14.11 0.76
CA ALA A 110 -17.52 -15.08 0.05
C ALA A 110 -16.35 -14.40 -0.63
N ASP A 111 -15.17 -15.02 -0.50
CA ASP A 111 -13.94 -14.52 -1.12
C ASP A 111 -13.60 -13.09 -0.70
N HIS A 112 -13.95 -12.73 0.53
CA HIS A 112 -13.60 -11.42 1.06
C HIS A 112 -12.08 -11.35 1.23
N ALA A 113 -11.52 -10.16 1.02
CA ALA A 113 -10.07 -9.97 1.09
C ALA A 113 -9.46 -10.35 2.45
N ALA A 114 -10.28 -10.36 3.49
CA ALA A 114 -9.82 -10.71 4.83
C ALA A 114 -9.61 -12.22 5.01
N LEU A 115 -9.96 -13.01 4.00
CA LEU A 115 -9.81 -14.45 4.08
C LEU A 115 -8.41 -14.88 3.64
N SER A 116 -7.42 -14.54 4.45
CA SER A 116 -6.04 -14.96 4.20
C SER A 116 -5.30 -15.07 5.53
N SER A 117 -4.29 -15.92 5.56
CA SER A 117 -3.57 -16.19 6.79
C SER A 117 -2.72 -15.00 7.26
N THR A 118 -2.62 -13.98 6.41
CA THR A 118 -1.85 -12.78 6.77
C THR A 118 -2.73 -11.57 7.07
N SER A 119 -4.04 -11.74 6.98
CA SER A 119 -4.96 -10.63 7.18
C SER A 119 -5.09 -10.28 8.67
N SER A 120 -5.54 -9.06 8.94
CA SER A 120 -5.74 -8.59 10.31
C SER A 120 -6.79 -9.40 11.05
N LEU A 121 -7.81 -9.83 10.31
CA LEU A 121 -8.90 -10.64 10.89
C LEU A 121 -8.39 -12.02 11.32
N ALA A 122 -7.56 -12.63 10.48
CA ALA A 122 -6.97 -13.93 10.79
C ALA A 122 -6.07 -13.85 12.02
N LYS A 123 -5.44 -12.70 12.18
CA LYS A 123 -4.52 -12.47 13.29
C LYS A 123 -5.30 -12.20 14.57
N LEU A 124 -6.45 -11.54 14.42
CA LEU A 124 -7.35 -11.33 15.56
C LEU A 124 -7.92 -12.66 16.03
N TRP A 125 -8.28 -13.52 15.08
CA TRP A 125 -8.77 -14.86 15.41
C TRP A 125 -7.68 -15.68 16.08
N PHE A 126 -6.47 -15.60 15.53
CA PHE A 126 -5.31 -16.28 16.10
C PHE A 126 -5.09 -15.87 17.53
N TRP A 127 -5.23 -14.58 17.79
CA TRP A 127 -5.10 -14.07 19.14
C TRP A 127 -6.25 -14.56 20.02
N GLN A 128 -7.44 -14.74 19.43
CA GLN A 128 -8.57 -15.26 20.19
C GLN A 128 -8.30 -16.69 20.63
N GLN A 129 -7.70 -17.49 19.75
CA GLN A 129 -7.36 -18.86 20.08
C GLN A 129 -6.23 -18.94 21.09
N GLN A 130 -5.21 -18.11 20.89
CA GLN A 130 -4.03 -18.09 21.76
C GLN A 130 -4.35 -17.61 23.18
N PHE A 131 -5.18 -16.57 23.29
CA PHE A 131 -5.56 -16.03 24.60
C PHE A 131 -6.77 -16.75 25.16
N GLY A 132 -7.47 -17.49 24.31
CA GLY A 132 -8.69 -18.18 24.71
C GLY A 132 -9.90 -17.26 24.68
N ALA A 133 -9.85 -16.22 25.50
CA ALA A 133 -10.92 -15.23 25.56
C ALA A 133 -10.34 -13.82 25.67
N LEU A 134 -10.71 -12.97 24.73
CA LEU A 134 -10.23 -11.60 24.68
C LEU A 134 -11.17 -10.64 25.42
N PRO A 135 -10.64 -9.90 26.40
CA PRO A 135 -11.41 -8.90 27.16
C PRO A 135 -12.06 -7.89 26.24
N PRO A 136 -13.37 -7.64 26.40
CA PRO A 136 -14.13 -6.78 25.49
C PRO A 136 -13.66 -5.33 25.50
N ASP A 137 -12.99 -4.90 26.56
CA ASP A 137 -12.45 -3.54 26.65
C ASP A 137 -11.12 -3.43 25.91
N TRP A 138 -10.62 -4.55 25.41
CA TRP A 138 -9.42 -4.53 24.59
C TRP A 138 -9.74 -4.10 23.16
N GLN A 139 -8.70 -3.94 22.35
CA GLN A 139 -8.86 -3.46 20.99
C GLN A 139 -7.75 -3.96 20.10
N ILE A 140 -8.07 -4.18 18.83
CA ILE A 140 -7.05 -4.46 17.85
C ILE A 140 -6.83 -3.20 17.01
N LEU A 141 -5.58 -2.84 16.82
CA LEU A 141 -5.24 -1.61 16.12
C LEU A 141 -4.19 -1.87 15.04
N ALA A 142 -4.43 -1.40 13.83
CA ALA A 142 -3.38 -1.46 12.82
C ALA A 142 -2.26 -0.51 13.24
N GLN A 143 -1.09 -0.65 12.60
CA GLN A 143 0.05 0.20 12.91
C GLN A 143 -0.30 1.69 12.78
N ALA A 144 -0.93 2.04 11.65
CA ALA A 144 -1.39 3.40 11.40
C ALA A 144 -2.34 3.86 12.51
N ASP A 145 -3.31 3.02 12.85
CA ASP A 145 -4.26 3.29 13.93
C ASP A 145 -3.55 3.63 15.23
N TRP A 146 -2.66 2.75 15.65
CA TRP A 146 -1.96 2.88 16.93
C TRP A 146 -1.09 4.15 16.98
N LEU A 147 -0.40 4.41 15.87
CA LEU A 147 0.46 5.58 15.80
C LEU A 147 -0.32 6.90 15.81
N SER A 148 -1.46 6.95 15.12
CA SER A 148 -2.29 8.16 15.15
C SER A 148 -2.94 8.33 16.52
N LEU A 149 -3.26 7.20 17.15
CA LEU A 149 -3.71 7.17 18.53
C LEU A 149 -2.72 7.83 19.47
N GLN A 150 -1.42 7.61 19.22
CA GLN A 150 -0.39 8.32 19.99
C GLN A 150 -0.52 9.86 19.91
N LEU A 151 -1.21 10.35 18.88
CA LEU A 151 -1.33 11.79 18.66
C LEU A 151 -2.67 12.37 19.09
N HIS A 152 -3.77 11.63 18.89
CA HIS A 152 -5.08 12.20 19.25
C HIS A 152 -5.79 11.52 20.43
N GLY A 153 -5.23 10.43 20.93
CA GLY A 153 -5.75 9.81 22.14
C GLY A 153 -7.12 9.14 22.05
N CYS A 154 -7.70 9.06 20.86
CA CYS A 154 -9.01 8.42 20.65
C CYS A 154 -8.84 6.96 20.25
N SER A 155 -9.21 6.04 21.14
CA SER A 155 -8.96 4.63 20.87
C SER A 155 -10.04 3.99 20.00
N GLN A 156 -9.73 2.81 19.47
CA GLN A 156 -10.63 2.07 18.60
C GLN A 156 -11.06 2.86 17.37
N GLN A 157 -10.09 3.55 16.76
CA GLN A 157 -10.33 4.32 15.54
C GLN A 157 -9.45 3.76 14.43
N SER A 158 -10.06 3.51 13.27
CA SER A 158 -9.32 3.08 12.10
C SER A 158 -9.90 3.70 10.82
N ASP A 159 -9.36 3.34 9.67
CA ASP A 159 -9.83 3.85 8.38
C ASP A 159 -10.30 2.67 7.53
N TYR A 160 -11.02 2.92 6.43
CA TYR A 160 -11.59 1.81 5.70
C TYR A 160 -10.62 1.18 4.69
N HIS A 161 -9.43 1.75 4.55
CA HIS A 161 -8.35 1.04 3.84
C HIS A 161 -7.78 -0.03 4.76
N ASN A 162 -7.31 0.37 5.93
CA ASN A 162 -6.74 -0.56 6.90
C ASN A 162 -7.77 -1.60 7.37
N ALA A 163 -9.02 -1.19 7.53
CA ALA A 163 -10.02 -2.07 8.12
C ALA A 163 -10.50 -3.16 7.17
N LEU A 164 -10.25 -3.00 5.87
CA LEU A 164 -10.72 -3.97 4.87
C LEU A 164 -10.32 -5.40 5.21
N LYS A 165 -9.04 -5.62 5.48
CA LYS A 165 -8.57 -6.98 5.73
C LYS A 165 -8.83 -7.40 7.18
N LEU A 166 -9.46 -6.51 7.95
CA LEU A 166 -9.93 -6.84 9.27
C LEU A 166 -11.38 -7.32 9.18
N GLY A 167 -11.93 -7.27 7.97
CA GLY A 167 -13.26 -7.80 7.70
C GLY A 167 -14.31 -6.74 7.41
N TYR A 168 -13.84 -5.51 7.17
CA TYR A 168 -14.74 -4.42 6.84
C TYR A 168 -15.22 -4.55 5.41
N SER A 169 -16.46 -4.12 5.17
CA SER A 169 -17.00 -4.11 3.82
C SER A 169 -17.28 -2.68 3.38
N PRO A 170 -16.30 -2.07 2.69
CA PRO A 170 -16.37 -0.69 2.22
C PRO A 170 -17.48 -0.45 1.19
N ASP A 171 -18.04 -1.49 0.60
CA ASP A 171 -19.18 -1.30 -0.30
C ASP A 171 -20.44 -0.94 0.48
N ARG A 172 -20.69 -1.63 1.59
CA ARG A 172 -21.86 -1.33 2.42
C ARG A 172 -21.43 -0.58 3.67
N GLU A 173 -20.15 -0.24 3.73
CA GLU A 173 -19.55 0.55 4.81
C GLU A 173 -19.90 0.08 6.21
N ARG A 174 -19.54 -1.16 6.51
CA ARG A 174 -19.84 -1.74 7.80
C ARG A 174 -19.08 -3.06 8.01
N PHE A 175 -18.88 -3.44 9.27
CA PHE A 175 -18.57 -4.82 9.60
C PHE A 175 -19.89 -5.59 9.57
N SER A 176 -19.84 -6.88 9.29
CA SER A 176 -21.06 -7.69 9.30
C SER A 176 -21.62 -7.78 10.71
N LYS A 177 -22.94 -7.94 10.80
CA LYS A 177 -23.61 -8.06 12.10
C LYS A 177 -23.13 -9.31 12.81
N ASN A 178 -22.82 -10.35 12.06
CA ASN A 178 -22.28 -11.57 12.62
C ASN A 178 -20.97 -11.29 13.35
N LEU A 179 -20.06 -10.63 12.65
CA LEU A 179 -18.76 -10.29 13.22
C LEU A 179 -18.91 -9.34 14.39
N LEU A 180 -19.78 -8.35 14.24
CA LEU A 180 -20.01 -7.37 15.31
C LEU A 180 -20.59 -7.99 16.57
N ASP A 181 -21.43 -9.01 16.40
CA ASP A 181 -22.07 -9.68 17.52
C ASP A 181 -21.24 -10.85 18.04
N SER A 182 -20.14 -11.15 17.36
CA SER A 182 -19.25 -12.21 17.81
C SER A 182 -18.43 -11.74 19.00
N GLU A 183 -17.63 -12.64 19.57
CA GLU A 183 -16.78 -12.28 20.70
C GLU A 183 -15.63 -11.37 20.26
N LEU A 184 -15.47 -11.22 18.95
CA LEU A 184 -14.43 -10.36 18.39
C LEU A 184 -14.93 -8.93 18.16
N GLY A 185 -16.24 -8.77 18.12
CA GLY A 185 -16.84 -7.48 17.83
C GLY A 185 -16.40 -6.34 18.71
N ALA A 186 -16.19 -6.60 20.00
CA ALA A 186 -15.89 -5.54 20.95
C ALA A 186 -14.46 -5.01 20.79
N LEU A 187 -13.63 -5.71 20.04
CA LEU A 187 -12.26 -5.28 19.84
C LEU A 187 -12.09 -4.57 18.50
N LEU A 188 -13.19 -4.48 17.74
CA LEU A 188 -13.17 -3.85 16.43
C LEU A 188 -13.19 -2.32 16.54
N PRO A 189 -12.56 -1.64 15.59
CA PRO A 189 -12.48 -0.18 15.62
C PRO A 189 -13.67 0.50 14.94
N VAL A 190 -13.93 1.74 15.31
CA VAL A 190 -14.83 2.59 14.54
C VAL A 190 -14.10 3.05 13.28
N VAL A 191 -14.74 2.84 12.13
CA VAL A 191 -14.07 3.06 10.85
C VAL A 191 -14.49 4.35 10.17
N HIS A 192 -13.51 5.22 9.94
CA HIS A 192 -13.74 6.47 9.23
C HIS A 192 -13.12 6.43 7.84
N GLU A 193 -13.40 7.46 7.06
CA GLU A 193 -12.76 7.63 5.77
C GLU A 193 -11.36 8.22 5.96
N PRO A 194 -10.35 7.62 5.29
CA PRO A 194 -8.99 8.20 5.30
C PRO A 194 -9.03 9.68 4.96
N GLY A 195 -8.37 10.50 5.78
CA GLY A 195 -8.33 11.92 5.52
C GLY A 195 -9.23 12.78 6.41
N VAL A 196 -10.32 12.21 6.93
CA VAL A 196 -11.20 13.00 7.79
C VAL A 196 -10.58 13.23 9.18
N ALA A 197 -10.89 14.37 9.78
CA ALA A 197 -10.36 14.69 11.10
C ALA A 197 -10.98 13.80 12.17
N ILE A 198 -10.13 13.05 12.87
CA ILE A 198 -10.56 12.21 13.98
C ILE A 198 -10.73 13.06 15.22
N GLY A 199 -9.76 13.94 15.46
CA GLY A 199 -9.79 14.83 16.60
C GLY A 199 -8.55 15.70 16.59
N PRO A 200 -8.52 16.72 17.46
CA PRO A 200 -7.35 17.60 17.57
C PRO A 200 -6.18 16.87 18.24
N ILE A 201 -4.96 17.33 18.00
CA ILE A 201 -3.78 16.73 18.64
C ILE A 201 -3.84 16.92 20.16
N LEU A 202 -3.22 15.98 20.88
CA LEU A 202 -3.17 16.05 22.32
C LEU A 202 -2.46 17.33 22.76
N PRO A 203 -3.02 18.01 23.77
CA PRO A 203 -2.46 19.25 24.31
C PRO A 203 -0.99 19.10 24.72
N ALA A 204 -0.68 18.04 25.45
CA ALA A 204 0.69 17.76 25.87
C ALA A 204 1.63 17.53 24.69
N ILE A 205 1.21 16.72 23.73
CA ILE A 205 2.01 16.49 22.51
C ILE A 205 2.25 17.80 21.75
N ALA A 206 1.19 18.59 21.59
CA ALA A 206 1.31 19.88 20.93
C ALA A 206 2.31 20.81 21.64
N GLN A 207 2.21 20.88 22.96
CA GLN A 207 3.13 21.70 23.76
C GLN A 207 4.57 21.25 23.59
N GLU A 208 4.78 19.96 23.75
CA GLU A 208 6.11 19.37 23.70
C GLU A 208 6.82 19.65 22.39
N PHE A 209 6.12 19.47 21.28
CA PHE A 209 6.75 19.50 19.97
C PHE A 209 6.53 20.81 19.23
N GLY A 210 6.03 21.81 19.94
CA GLY A 210 5.78 23.11 19.34
C GLY A 210 4.77 23.06 18.20
N LEU A 211 3.84 22.12 18.29
CA LEU A 211 2.76 22.07 17.31
C LEU A 211 1.58 22.92 17.79
N SER A 212 0.79 23.42 16.84
CA SER A 212 -0.44 24.13 17.17
C SER A 212 -1.39 23.20 17.91
N PRO A 213 -1.94 23.66 19.05
CA PRO A 213 -2.92 22.84 19.77
C PRO A 213 -4.22 22.68 18.97
N ASP A 214 -4.35 23.40 17.86
CA ASP A 214 -5.53 23.28 17.00
C ASP A 214 -5.28 22.38 15.81
N CYS A 215 -4.07 21.81 15.73
CA CYS A 215 -3.73 20.86 14.68
C CYS A 215 -4.63 19.62 14.76
N GLN A 216 -5.11 19.15 13.61
CA GLN A 216 -6.00 18.00 13.54
C GLN A 216 -5.28 16.73 13.12
N ILE A 217 -5.61 15.61 13.76
CA ILE A 217 -5.10 14.31 13.35
C ILE A 217 -6.14 13.60 12.52
N CYS A 218 -5.77 13.19 11.32
CA CYS A 218 -6.72 12.60 10.39
C CYS A 218 -6.71 11.08 10.44
N ALA A 219 -7.73 10.48 9.83
CA ALA A 219 -7.76 9.04 9.65
C ALA A 219 -6.67 8.65 8.66
N GLY A 220 -6.01 7.53 8.92
CA GLY A 220 -4.85 7.14 8.12
C GLY A 220 -5.17 6.26 6.93
N THR A 221 -4.18 5.51 6.49
CA THR A 221 -4.30 4.62 5.34
C THR A 221 -3.16 3.62 5.34
N THR A 222 -3.00 2.89 4.24
CA THR A 222 -1.86 1.98 4.10
C THR A 222 -0.79 2.59 3.21
N ASP A 223 0.43 2.06 3.30
CA ASP A 223 1.57 2.61 2.58
C ASP A 223 1.45 2.41 1.06
N SER A 224 0.83 1.32 0.65
CA SER A 224 0.58 1.06 -0.78
C SER A 224 -0.36 2.10 -1.41
N ILE A 225 -1.49 2.31 -0.73
CA ILE A 225 -2.45 3.31 -1.17
C ILE A 225 -1.81 4.70 -1.11
N ALA A 226 -1.04 4.97 -0.06
CA ALA A 226 -0.37 6.25 0.07
C ALA A 226 0.57 6.49 -1.12
N ALA A 227 1.26 5.43 -1.53
CA ALA A 227 2.12 5.49 -2.71
C ALA A 227 1.29 5.88 -3.93
N PHE A 228 0.12 5.28 -4.07
CA PHE A 228 -0.75 5.70 -5.17
C PHE A 228 -1.16 7.18 -5.07
N LEU A 229 -1.46 7.64 -3.84
CA LEU A 229 -1.87 9.02 -3.60
C LEU A 229 -0.76 10.02 -3.95
N ALA A 230 0.49 9.59 -3.77
CA ALA A 230 1.63 10.42 -4.13
C ALA A 230 1.60 10.86 -5.59
N SER A 231 1.09 10.00 -6.48
CA SER A 231 1.06 10.31 -7.91
C SER A 231 0.13 11.47 -8.24
N GLY A 232 -0.97 11.59 -7.50
CA GLY A 232 -1.93 12.66 -7.72
C GLY A 232 -3.07 12.27 -8.65
N ALA A 233 -3.02 11.04 -9.17
CA ALA A 233 -4.07 10.53 -10.06
C ALA A 233 -5.41 10.47 -9.33
N HIS A 234 -6.47 10.94 -9.99
CA HIS A 234 -7.76 10.99 -9.34
C HIS A 234 -8.94 10.80 -10.30
N GLN A 235 -8.64 10.53 -11.57
CA GLN A 235 -9.68 10.19 -12.52
C GLN A 235 -9.70 8.69 -12.78
N PRO A 236 -10.91 8.10 -12.85
CA PRO A 236 -11.03 6.67 -13.15
C PRO A 236 -10.37 6.33 -14.47
N GLY A 237 -9.58 5.25 -14.49
CA GLY A 237 -8.85 4.86 -15.68
C GLY A 237 -7.37 5.17 -15.56
N GLU A 238 -7.05 6.10 -14.66
CA GLU A 238 -5.65 6.39 -14.38
C GLU A 238 -5.03 5.29 -13.53
N ALA A 239 -3.77 4.99 -13.78
CA ALA A 239 -3.11 3.92 -13.06
C ALA A 239 -1.68 4.25 -12.68
N VAL A 240 -1.20 3.56 -11.65
CA VAL A 240 0.21 3.63 -11.29
C VAL A 240 0.83 2.23 -11.38
N THR A 241 1.88 2.12 -12.20
CA THR A 241 2.64 0.88 -12.31
C THR A 241 3.95 0.99 -11.57
N SER A 242 4.19 0.06 -10.65
CA SER A 242 5.46 0.01 -9.96
C SER A 242 6.32 -1.10 -10.57
N LEU A 243 7.39 -0.67 -11.25
CA LEU A 243 8.36 -1.58 -11.86
C LEU A 243 9.50 -1.83 -10.90
N GLY A 244 9.22 -2.52 -9.80
CA GLY A 244 10.24 -2.83 -8.82
C GLY A 244 10.71 -4.26 -8.94
N SER A 245 11.03 -4.86 -7.80
CA SER A 245 11.44 -6.26 -7.76
C SER A 245 10.32 -7.12 -8.31
N THR A 246 9.09 -6.74 -7.98
CA THR A 246 7.91 -7.32 -8.63
C THR A 246 7.12 -6.19 -9.26
N ILE A 247 6.43 -6.50 -10.36
CA ILE A 247 5.58 -5.53 -11.02
C ILE A 247 4.26 -5.43 -10.27
N VAL A 248 3.92 -4.24 -9.79
CA VAL A 248 2.66 -4.04 -9.09
C VAL A 248 1.77 -3.01 -9.78
N LEU A 249 0.58 -3.42 -10.18
CA LEU A 249 -0.35 -2.53 -10.87
C LEU A 249 -1.45 -2.02 -9.94
N LYS A 250 -1.72 -0.71 -10.01
CA LYS A 250 -2.84 -0.12 -9.30
C LYS A 250 -3.69 0.72 -10.25
N LEU A 251 -4.99 0.43 -10.33
CA LEU A 251 -5.85 1.08 -11.31
C LEU A 251 -7.07 1.71 -10.65
N LEU A 252 -7.25 3.00 -10.90
CA LEU A 252 -8.40 3.72 -10.40
C LEU A 252 -9.62 3.45 -11.28
N SER A 253 -10.71 3.03 -10.63
CA SER A 253 -11.90 2.53 -11.33
C SER A 253 -13.19 3.08 -10.72
N GLN A 254 -14.22 3.21 -11.56
CA GLN A 254 -15.53 3.59 -11.06
C GLN A 254 -16.22 2.40 -10.41
N VAL A 255 -15.69 1.20 -10.65
CA VAL A 255 -16.30 -0.04 -10.17
C VAL A 255 -15.33 -0.89 -9.36
N ALA A 256 -15.87 -1.56 -8.34
CA ALA A 256 -15.09 -2.52 -7.59
C ALA A 256 -14.96 -3.82 -8.39
N VAL A 257 -13.75 -4.34 -8.49
CA VAL A 257 -13.54 -5.62 -9.15
C VAL A 257 -12.74 -6.53 -8.25
N SER A 258 -12.95 -7.84 -8.39
CA SER A 258 -12.19 -8.82 -7.62
C SER A 258 -12.11 -10.17 -8.32
N ASP A 259 -11.20 -11.01 -7.84
CA ASP A 259 -11.00 -12.33 -8.42
C ASP A 259 -10.34 -13.24 -7.40
N ARG A 260 -11.03 -14.33 -7.05
CA ARG A 260 -10.53 -15.27 -6.05
C ARG A 260 -9.13 -15.82 -6.35
N LEU A 261 -8.98 -16.48 -7.49
CA LEU A 261 -7.76 -17.24 -7.78
C LEU A 261 -6.51 -16.36 -7.97
N THR A 262 -6.70 -15.11 -8.40
CA THR A 262 -5.55 -14.21 -8.54
C THR A 262 -5.43 -13.26 -7.34
N GLY A 263 -6.33 -13.41 -6.37
CA GLY A 263 -6.29 -12.59 -5.17
C GLY A 263 -6.58 -11.12 -5.38
N VAL A 264 -7.08 -10.76 -6.56
CA VAL A 264 -7.41 -9.37 -6.86
C VAL A 264 -8.58 -8.89 -6.00
N TYR A 265 -8.44 -7.70 -5.42
CA TYR A 265 -9.53 -7.06 -4.69
C TYR A 265 -9.52 -5.54 -4.92
N SER A 266 -10.47 -4.84 -4.33
CA SER A 266 -10.53 -3.39 -4.49
C SER A 266 -10.71 -2.70 -3.15
N HIS A 267 -9.97 -1.62 -2.95
CA HIS A 267 -10.24 -0.72 -1.83
C HIS A 267 -11.19 0.38 -2.29
N LYS A 268 -12.05 0.83 -1.39
CA LYS A 268 -12.84 2.03 -1.64
C LYS A 268 -11.90 3.23 -1.64
N LEU A 269 -12.17 4.20 -2.49
CA LEU A 269 -11.37 5.43 -2.48
C LEU A 269 -12.28 6.62 -2.84
N GLY A 270 -12.85 7.23 -1.81
CA GLY A 270 -13.88 8.24 -1.99
C GLY A 270 -15.11 7.63 -2.62
N GLY A 271 -15.54 8.20 -3.74
CA GLY A 271 -16.64 7.63 -4.51
C GLY A 271 -16.16 6.65 -5.56
N TYR A 272 -14.84 6.43 -5.59
CA TYR A 272 -14.23 5.54 -6.56
C TYR A 272 -13.71 4.28 -5.91
N TRP A 273 -12.94 3.50 -6.66
CA TRP A 273 -12.35 2.27 -6.18
C TRP A 273 -10.93 2.15 -6.72
N LEU A 274 -10.01 1.72 -5.87
CA LEU A 274 -8.66 1.42 -6.33
C LEU A 274 -8.50 -0.09 -6.37
N THR A 275 -8.32 -0.61 -7.57
CA THR A 275 -8.08 -2.03 -7.72
C THR A 275 -6.62 -2.24 -8.14
N GLY A 276 -6.27 -3.49 -8.41
CA GLY A 276 -4.94 -3.78 -8.91
C GLY A 276 -4.51 -5.18 -8.63
N GLY A 277 -3.27 -5.49 -9.01
CA GLY A 277 -2.74 -6.81 -8.78
C GLY A 277 -1.22 -6.82 -8.83
N ALA A 278 -0.63 -7.92 -8.37
CA ALA A 278 0.81 -7.97 -8.29
C ALA A 278 1.33 -9.27 -8.90
N SER A 279 2.23 -9.14 -9.86
CA SER A 279 2.82 -10.30 -10.53
C SER A 279 4.04 -10.80 -9.79
N ASN A 280 4.39 -12.07 -10.02
CA ASN A 280 5.63 -12.61 -9.48
C ASN A 280 6.81 -12.17 -10.34
N CYS A 281 6.54 -11.81 -11.60
CA CYS A 281 7.55 -11.25 -12.46
C CYS A 281 7.93 -9.85 -11.99
N GLY A 282 9.10 -9.39 -12.41
CA GLY A 282 9.55 -8.06 -12.07
C GLY A 282 11.05 -7.89 -12.24
N GLY A 283 11.61 -6.92 -11.53
CA GLY A 283 13.02 -6.58 -11.67
C GLY A 283 13.99 -7.61 -11.10
N ALA A 284 13.52 -8.43 -10.16
CA ALA A 284 14.34 -9.48 -9.58
C ALA A 284 14.83 -10.44 -10.68
N THR A 285 13.93 -10.76 -11.61
CA THR A 285 14.28 -11.57 -12.76
C THR A 285 15.42 -10.93 -13.55
N LEU A 286 15.32 -9.62 -13.77
CA LEU A 286 16.36 -8.87 -14.46
C LEU A 286 17.68 -8.96 -13.68
N ARG A 287 17.57 -8.89 -12.36
CA ARG A 287 18.71 -8.91 -11.47
C ARG A 287 19.44 -10.25 -11.55
N GLN A 288 18.72 -11.30 -11.93
CA GLN A 288 19.32 -12.63 -12.06
C GLN A 288 20.36 -12.70 -13.19
N PHE A 289 20.30 -11.77 -14.13
CA PHE A 289 21.22 -11.78 -15.26
C PHE A 289 22.03 -10.48 -15.40
N PHE A 290 21.54 -9.38 -14.86
CA PHE A 290 22.25 -8.11 -14.97
C PHE A 290 22.14 -7.24 -13.75
N PRO A 291 23.27 -6.64 -13.33
CA PRO A 291 23.22 -5.55 -12.35
C PRO A 291 22.68 -4.29 -13.00
N ASP A 292 22.32 -3.29 -12.21
CA ASP A 292 21.67 -2.09 -12.75
C ASP A 292 22.51 -1.39 -13.83
N THR A 293 23.82 -1.30 -13.60
CA THR A 293 24.72 -0.62 -14.53
C THR A 293 24.64 -1.24 -15.91
N GLU A 294 24.65 -2.57 -15.92
CA GLU A 294 24.54 -3.34 -17.15
C GLU A 294 23.15 -3.16 -17.77
N LEU A 295 22.14 -2.98 -16.93
CA LEU A 295 20.78 -2.74 -17.41
C LEU A 295 20.70 -1.43 -18.18
N GLU A 296 21.34 -0.38 -17.64
CA GLU A 296 21.39 0.89 -18.33
C GLU A 296 22.16 0.78 -19.65
N SER A 297 23.43 0.37 -19.54
CA SER A 297 24.31 0.31 -20.71
C SER A 297 23.74 -0.55 -21.84
N LEU A 298 23.15 -1.69 -21.50
CA LEU A 298 22.57 -2.57 -22.52
C LEU A 298 21.21 -2.06 -23.02
N SER A 299 20.39 -1.50 -22.13
CA SER A 299 19.07 -1.06 -22.56
C SER A 299 19.19 0.08 -23.55
N CYS A 300 20.25 0.89 -23.42
CA CYS A 300 20.42 1.97 -24.36
C CYS A 300 20.83 1.48 -25.76
N GLN A 301 21.07 0.18 -25.89
CA GLN A 301 21.41 -0.40 -27.18
C GLN A 301 20.21 -1.08 -27.83
N ILE A 302 19.07 -1.06 -27.15
CA ILE A 302 17.86 -1.70 -27.65
C ILE A 302 17.01 -0.78 -28.51
N ASP A 303 16.65 -1.26 -29.69
CA ASP A 303 15.66 -0.61 -30.55
C ASP A 303 14.31 -1.29 -30.37
N PRO A 304 13.41 -0.66 -29.61
CA PRO A 304 12.10 -1.21 -29.23
C PRO A 304 11.13 -1.37 -30.41
N THR A 305 11.44 -0.80 -31.56
CA THR A 305 10.51 -0.83 -32.69
C THR A 305 10.77 -2.03 -33.59
N LYS A 306 11.70 -2.89 -33.19
CA LYS A 306 11.94 -4.15 -33.88
C LYS A 306 11.79 -5.28 -32.89
N LYS A 307 10.86 -6.19 -33.18
CA LYS A 307 10.63 -7.35 -32.33
C LYS A 307 11.90 -8.17 -32.18
N SER A 308 12.17 -8.66 -30.97
CA SER A 308 13.33 -9.49 -30.71
C SER A 308 13.16 -10.89 -31.28
N GLY A 309 11.91 -11.28 -31.50
CA GLY A 309 11.58 -12.62 -31.94
C GLY A 309 11.34 -13.54 -30.75
N LEU A 310 11.77 -13.08 -29.57
CA LEU A 310 11.68 -13.87 -28.36
C LEU A 310 10.34 -13.67 -27.65
N ASP A 311 9.83 -14.74 -27.05
CA ASP A 311 8.55 -14.65 -26.35
C ASP A 311 8.67 -15.21 -24.93
N TYR A 312 9.22 -14.40 -24.03
CA TYR A 312 9.52 -14.83 -22.67
C TYR A 312 8.37 -14.64 -21.68
N TYR A 313 8.33 -15.51 -20.66
CA TYR A 313 7.55 -15.20 -19.48
C TYR A 313 8.51 -15.08 -18.30
N PRO A 314 8.96 -13.85 -18.02
CA PRO A 314 10.06 -13.51 -17.10
C PRO A 314 9.80 -13.75 -15.63
N LEU A 315 9.36 -14.96 -15.27
CA LEU A 315 9.28 -15.34 -13.87
C LEU A 315 10.68 -15.54 -13.29
N PRO A 316 10.90 -15.08 -12.04
CA PRO A 316 12.16 -15.36 -11.36
C PRO A 316 12.27 -16.83 -10.99
N SER A 317 11.12 -17.44 -10.71
CA SER A 317 11.04 -18.85 -10.36
C SER A 317 9.65 -19.39 -10.73
N ARG A 318 9.34 -20.59 -10.21
CA ARG A 318 8.11 -21.27 -10.59
C ARG A 318 6.87 -20.65 -9.93
N GLY A 319 5.79 -20.56 -10.70
CA GLY A 319 4.52 -20.10 -10.17
C GLY A 319 4.21 -18.63 -10.37
N GLU A 320 3.10 -18.37 -11.04
CA GLU A 320 2.62 -17.00 -11.21
C GLU A 320 1.36 -16.74 -10.36
N ARG A 321 1.23 -15.53 -9.85
CA ARG A 321 0.08 -15.18 -9.01
C ARG A 321 -0.91 -14.25 -9.72
N PHE A 322 -0.44 -13.52 -10.73
CA PHE A 322 -1.21 -12.50 -11.44
C PHE A 322 -0.41 -12.04 -12.64
N PRO A 323 -1.06 -11.77 -13.79
CA PRO A 323 -2.49 -11.69 -14.11
C PRO A 323 -3.24 -13.02 -14.15
N ILE A 324 -2.54 -14.12 -14.37
CA ILE A 324 -3.19 -15.41 -14.39
C ILE A 324 -2.51 -16.39 -13.44
N ALA A 325 -3.24 -16.82 -12.42
CA ALA A 325 -2.72 -17.75 -11.42
C ALA A 325 -2.40 -19.10 -12.06
N ASP A 326 -1.28 -19.68 -11.62
CA ASP A 326 -0.76 -20.92 -12.17
C ASP A 326 0.46 -21.33 -11.35
N PRO A 327 0.23 -22.07 -10.26
CA PRO A 327 1.33 -22.44 -9.35
C PRO A 327 2.38 -23.33 -9.99
N ASP A 328 2.18 -23.73 -11.24
CA ASP A 328 3.14 -24.59 -11.94
C ASP A 328 3.74 -23.89 -13.16
N ARG A 329 3.51 -22.59 -13.30
CA ARG A 329 4.08 -21.84 -14.42
C ARG A 329 5.59 -21.70 -14.26
N LEU A 330 6.33 -22.13 -15.27
CA LEU A 330 7.78 -22.05 -15.25
C LEU A 330 8.27 -20.82 -15.97
N PRO A 331 9.43 -20.31 -15.54
CA PRO A 331 10.06 -19.23 -16.32
C PRO A 331 10.33 -19.73 -17.74
N GLN A 332 9.94 -18.94 -18.73
CA GLN A 332 10.34 -19.24 -20.10
C GLN A 332 11.31 -18.17 -20.46
N LEU A 333 12.55 -18.56 -20.73
CA LEU A 333 13.56 -17.65 -21.22
C LEU A 333 14.31 -18.29 -22.39
N GLU A 334 13.58 -19.10 -23.16
CA GLU A 334 14.13 -19.76 -24.33
C GLU A 334 13.53 -19.22 -25.62
N PRO A 335 14.31 -19.24 -26.72
CA PRO A 335 15.73 -19.61 -26.72
C PRO A 335 16.61 -18.45 -26.27
N ARG A 336 17.81 -18.74 -25.79
CA ARG A 336 18.74 -17.71 -25.39
C ARG A 336 19.55 -17.24 -26.59
N PRO A 337 19.37 -15.97 -26.98
CA PRO A 337 20.21 -15.38 -28.02
C PRO A 337 21.62 -15.22 -27.48
N GLU A 338 22.62 -15.08 -28.33
CA GLU A 338 23.96 -14.97 -27.78
C GLU A 338 24.28 -13.52 -27.44
N ASN A 339 23.63 -12.59 -28.14
CA ASN A 339 23.75 -11.18 -27.83
C ASN A 339 22.92 -10.83 -26.59
N PRO A 340 23.58 -10.37 -25.52
CA PRO A 340 22.91 -9.99 -24.27
C PRO A 340 21.95 -8.79 -24.42
N VAL A 341 22.18 -7.95 -25.42
CA VAL A 341 21.26 -6.86 -25.71
C VAL A 341 19.90 -7.43 -26.12
N GLN A 342 19.93 -8.46 -26.97
CA GLN A 342 18.73 -9.09 -27.46
C GLN A 342 18.04 -9.89 -26.35
N PHE A 343 18.85 -10.47 -25.47
CA PHE A 343 18.32 -11.21 -24.32
C PHE A 343 17.58 -10.27 -23.39
N LEU A 344 18.20 -9.13 -23.11
CA LEU A 344 17.56 -8.12 -22.26
C LEU A 344 16.30 -7.60 -22.92
N GLN A 345 16.35 -7.35 -24.23
CA GLN A 345 15.16 -6.91 -24.95
C GLN A 345 14.04 -7.92 -24.79
N GLY A 346 14.37 -9.20 -24.89
CA GLY A 346 13.39 -10.26 -24.70
C GLY A 346 12.77 -10.23 -23.31
N LEU A 347 13.60 -10.05 -22.29
CA LEU A 347 13.10 -9.95 -20.93
C LEU A 347 12.15 -8.77 -20.78
N LEU A 348 12.55 -7.62 -21.34
CA LEU A 348 11.78 -6.39 -21.19
C LEU A 348 10.43 -6.53 -21.90
N GLU A 349 10.43 -7.13 -23.09
CA GLU A 349 9.20 -7.42 -23.80
C GLU A 349 8.29 -8.33 -22.96
N GLY A 350 8.90 -9.29 -22.27
CA GLY A 350 8.16 -10.18 -21.40
C GLY A 350 7.46 -9.48 -20.26
N LEU A 351 8.22 -8.66 -19.53
CA LEU A 351 7.67 -7.89 -18.41
C LEU A 351 6.58 -6.94 -18.91
N THR A 352 6.81 -6.37 -20.10
CA THR A 352 5.84 -5.52 -20.78
C THR A 352 4.53 -6.28 -20.97
N GLN A 353 4.64 -7.53 -21.43
CA GLN A 353 3.47 -8.37 -21.62
C GLN A 353 2.78 -8.63 -20.28
N VAL A 354 3.56 -8.75 -19.22
CA VAL A 354 2.97 -8.93 -17.89
C VAL A 354 2.10 -7.74 -17.48
N GLU A 355 2.62 -6.54 -17.67
CA GLU A 355 1.85 -5.34 -17.34
C GLU A 355 0.61 -5.20 -18.25
N THR A 356 0.82 -5.44 -19.55
CA THR A 356 -0.25 -5.36 -20.54
C THR A 356 -1.42 -6.29 -20.21
N LEU A 357 -1.07 -7.56 -20.03
CA LEU A 357 -2.04 -8.58 -19.65
C LEU A 357 -2.69 -8.25 -18.31
N GLY A 358 -1.92 -7.73 -17.36
CA GLY A 358 -2.45 -7.39 -16.05
C GLY A 358 -3.53 -6.33 -16.11
N TYR A 359 -3.26 -5.23 -16.79
CA TYR A 359 -4.23 -4.16 -16.89
C TYR A 359 -5.45 -4.63 -17.70
N GLN A 360 -5.20 -5.31 -18.81
CA GLN A 360 -6.30 -5.78 -19.63
C GLN A 360 -7.20 -6.71 -18.83
N ARG A 361 -6.59 -7.56 -18.02
CA ARG A 361 -7.32 -8.48 -17.14
C ARG A 361 -8.15 -7.73 -16.11
N LEU A 362 -7.57 -6.69 -15.53
CA LEU A 362 -8.32 -5.87 -14.58
C LEU A 362 -9.57 -5.29 -15.23
N GLN A 363 -9.42 -4.82 -16.47
CA GLN A 363 -10.57 -4.30 -17.22
C GLN A 363 -11.60 -5.38 -17.55
N ASP A 364 -11.11 -6.57 -17.92
CA ASP A 364 -11.97 -7.70 -18.27
C ASP A 364 -12.80 -8.14 -17.06
N LEU A 365 -12.29 -7.85 -15.87
CA LEU A 365 -13.02 -8.15 -14.66
C LEU A 365 -14.02 -7.04 -14.32
N GLY A 366 -14.05 -5.99 -15.15
CA GLY A 366 -15.02 -4.92 -15.01
C GLY A 366 -14.49 -3.52 -14.72
N ALA A 367 -13.19 -3.41 -14.48
CA ALA A 367 -12.61 -2.13 -14.07
C ALA A 367 -12.64 -1.12 -15.20
N THR A 368 -12.74 0.15 -14.83
CA THR A 368 -12.74 1.25 -15.79
C THR A 368 -11.55 1.13 -16.73
N PRO A 369 -11.82 1.22 -18.06
CA PRO A 369 -10.78 1.14 -19.08
C PRO A 369 -9.62 2.09 -18.80
N LEU A 370 -8.41 1.63 -19.13
CA LEU A 370 -7.17 2.34 -18.84
C LEU A 370 -7.08 3.64 -19.63
N LYS A 371 -6.73 4.73 -18.96
CA LYS A 371 -6.57 6.03 -19.59
C LYS A 371 -5.09 6.41 -19.73
N ARG A 372 -4.32 6.20 -18.67
CA ARG A 372 -2.88 6.47 -18.71
C ARG A 372 -2.14 5.86 -17.54
N ILE A 373 -0.83 5.76 -17.70
CA ILE A 373 0.04 5.14 -16.70
C ILE A 373 1.05 6.11 -16.13
N TRP A 374 1.12 6.16 -14.81
CA TRP A 374 2.22 6.82 -14.13
C TRP A 374 3.09 5.73 -13.57
N THR A 375 4.40 5.88 -13.73
CA THR A 375 5.29 4.78 -13.42
C THR A 375 6.20 5.11 -12.25
N ALA A 376 6.37 4.13 -11.37
CA ALA A 376 7.26 4.27 -10.23
C ALA A 376 8.16 3.05 -10.12
N GLY A 377 9.09 3.09 -9.19
CA GLY A 377 9.99 1.97 -8.94
C GLY A 377 11.24 2.02 -9.79
N GLY A 378 12.08 1.00 -9.64
CA GLY A 378 13.39 0.97 -10.25
C GLY A 378 13.45 0.98 -11.77
N GLY A 379 12.41 0.46 -12.43
CA GLY A 379 12.38 0.44 -13.88
C GLY A 379 11.71 1.64 -14.53
N ALA A 380 11.23 2.57 -13.71
CA ALA A 380 10.45 3.69 -14.21
C ALA A 380 11.25 4.59 -15.14
N LYS A 381 12.54 4.69 -14.87
CA LYS A 381 13.44 5.56 -15.62
C LYS A 381 13.89 4.95 -16.95
N ASN A 382 13.67 3.65 -17.14
CA ASN A 382 14.05 2.97 -18.38
C ASN A 382 13.11 3.30 -19.54
N ALA A 383 13.53 4.21 -20.40
CA ALA A 383 12.68 4.75 -21.45
C ALA A 383 12.45 3.77 -22.62
N VAL A 384 13.35 2.82 -22.79
CA VAL A 384 13.16 1.80 -23.82
C VAL A 384 12.05 0.86 -23.37
N TRP A 385 12.14 0.43 -22.12
CA TRP A 385 11.09 -0.35 -21.48
C TRP A 385 9.77 0.41 -21.54
N GLN A 386 9.83 1.71 -21.27
CA GLN A 386 8.64 2.56 -21.32
C GLN A 386 8.04 2.56 -22.72
N GLN A 387 8.88 2.70 -23.74
CA GLN A 387 8.43 2.63 -25.13
C GLN A 387 7.73 1.31 -25.44
N LEU A 388 8.36 0.21 -25.02
CA LEU A 388 7.76 -1.12 -25.21
C LEU A 388 6.38 -1.18 -24.59
N ARG A 389 6.29 -0.66 -23.38
CA ARG A 389 5.02 -0.60 -22.68
C ARG A 389 3.99 0.28 -23.44
N GLN A 390 4.37 1.40 -24.06
CA GLN A 390 3.34 2.30 -24.57
C GLN A 390 2.87 1.63 -25.89
N GLN A 391 3.81 0.98 -26.59
CA GLN A 391 3.46 0.26 -27.82
C GLN A 391 2.46 -0.85 -27.53
N ALA A 392 2.76 -1.66 -26.53
CA ALA A 392 1.92 -2.83 -26.28
C ALA A 392 0.60 -2.49 -25.60
N ILE A 393 0.56 -1.39 -24.85
CA ILE A 393 -0.64 -1.03 -24.07
C ILE A 393 -1.49 0.04 -24.78
N GLY A 394 -0.84 1.02 -25.39
CA GLY A 394 -1.56 2.00 -26.19
C GLY A 394 -2.18 3.16 -25.43
N VAL A 395 -1.60 3.51 -24.28
CA VAL A 395 -2.02 4.70 -23.55
C VAL A 395 -0.78 5.54 -23.24
N PRO A 396 -0.97 6.84 -22.98
CA PRO A 396 0.15 7.66 -22.52
C PRO A 396 0.78 7.11 -21.24
N ILE A 397 2.10 7.03 -21.22
CA ILE A 397 2.83 6.57 -20.04
C ILE A 397 3.91 7.57 -19.66
N ALA A 398 3.95 7.93 -18.39
CA ALA A 398 4.95 8.85 -17.89
C ALA A 398 5.46 8.43 -16.51
N ILE A 399 6.48 9.12 -16.02
CA ILE A 399 6.98 8.90 -14.68
C ILE A 399 6.09 9.66 -13.70
N ALA A 400 5.68 9.00 -12.62
CA ALA A 400 4.84 9.63 -11.62
C ALA A 400 5.52 10.88 -11.05
N PRO A 401 4.74 11.97 -10.90
CA PRO A 401 5.28 13.26 -10.42
C PRO A 401 5.94 13.13 -9.05
N ASN A 402 5.33 12.33 -8.18
CA ASN A 402 5.93 11.98 -6.90
C ASN A 402 5.56 10.54 -6.57
N THR A 403 6.42 9.85 -5.81
CA THR A 403 6.15 8.45 -5.49
C THR A 403 6.30 8.15 -4.01
N GLU A 404 6.71 9.14 -3.22
CA GLU A 404 6.90 8.92 -1.78
C GLU A 404 5.56 8.75 -1.04
N ALA A 405 5.44 7.65 -0.31
CA ALA A 405 4.22 7.37 0.44
C ALA A 405 3.90 8.49 1.44
N ALA A 406 4.93 9.06 2.04
CA ALA A 406 4.75 10.15 3.02
C ALA A 406 4.15 11.39 2.36
N PHE A 407 4.48 11.62 1.10
CA PHE A 407 3.91 12.75 0.36
C PHE A 407 2.43 12.50 0.03
N GLY A 408 2.11 11.28 -0.37
CA GLY A 408 0.73 10.92 -0.62
C GLY A 408 -0.09 11.07 0.64
N THR A 409 0.53 10.73 1.77
CA THR A 409 -0.12 10.86 3.06
C THR A 409 -0.26 12.33 3.48
N ALA A 410 0.70 13.17 3.09
CA ALA A 410 0.60 14.62 3.31
C ALA A 410 -0.56 15.20 2.50
N ARG A 411 -0.70 14.73 1.27
CA ARG A 411 -1.83 15.12 0.42
C ARG A 411 -3.11 14.66 1.07
N LEU A 412 -3.09 13.45 1.64
CA LEU A 412 -4.26 12.90 2.31
C LEU A 412 -4.66 13.81 3.47
N ALA A 413 -3.67 14.29 4.19
CA ALA A 413 -3.92 15.18 5.33
C ALA A 413 -4.48 16.52 4.86
N ALA A 414 -3.96 17.02 3.75
CA ALA A 414 -4.31 18.35 3.28
C ALA A 414 -5.66 18.41 2.56
N PHE A 415 -6.01 17.36 1.81
CA PHE A 415 -7.18 17.44 0.94
C PHE A 415 -8.15 16.26 1.10
N GLY A 416 -7.77 15.30 1.93
CA GLY A 416 -8.56 14.09 2.08
C GLY A 416 -8.77 13.40 0.75
N LEU A 417 -9.89 12.70 0.62
CA LEU A 417 -10.23 11.98 -0.61
C LEU A 417 -11.24 12.74 -1.46
N ALA A 418 -11.30 14.05 -1.27
CA ALA A 418 -12.29 14.90 -1.94
C ALA A 418 -12.21 14.80 -3.46
N ALA A 419 -11.00 14.70 -4.00
CA ALA A 419 -10.80 14.67 -5.45
C ALA A 419 -11.34 13.40 -6.11
N PHE A 420 -11.63 12.37 -5.30
CA PHE A 420 -12.10 11.10 -5.86
C PHE A 420 -13.62 11.02 -5.92
N HIS A 421 -14.23 12.00 -6.57
CA HIS A 421 -15.68 12.02 -6.83
C HIS A 421 -15.94 12.68 -8.18
N SER A 422 -17.00 12.26 -8.86
CA SER A 422 -17.41 12.87 -10.13
C SER A 422 -17.84 14.31 -9.93
#